data_8T01
#
_entry.id   8T01
#
_entity_poly.entity_id   1
_entity_poly.type   'polypeptide(L)'
_entity_poly.pdbx_seq_one_letter_code
;LLKKVLALLKKVL
;
_entity_poly.pdbx_strand_id   A
#
# COMPACT_ATOMS: atom_id res chain seq x y z
N LEU A 1 -8.10 3.44 -8.17
CA LEU A 1 -7.60 4.03 -6.90
C LEU A 1 -6.26 3.41 -6.53
N LEU A 2 -5.31 4.23 -6.11
CA LEU A 2 -3.98 3.76 -5.75
C LEU A 2 -3.96 3.24 -4.32
N LYS A 3 -4.99 2.50 -3.96
CA LYS A 3 -5.12 1.94 -2.63
C LYS A 3 -4.55 0.55 -2.62
N LYS A 4 -4.66 -0.12 -3.76
CA LYS A 4 -4.10 -1.44 -3.92
C LYS A 4 -2.61 -1.41 -3.70
N VAL A 5 -1.96 -0.37 -4.22
CA VAL A 5 -0.52 -0.22 -4.08
C VAL A 5 -0.15 0.36 -2.72
N LEU A 6 -1.00 1.24 -2.22
CA LEU A 6 -0.76 1.92 -0.95
C LEU A 6 -0.90 0.97 0.22
N ALA A 7 -1.94 0.15 0.17
CA ALA A 7 -2.23 -0.79 1.23
C ALA A 7 -1.12 -1.81 1.40
N LEU A 8 -0.42 -2.11 0.30
CA LEU A 8 0.68 -3.06 0.33
C LEU A 8 1.95 -2.42 0.87
N LEU A 9 1.96 -1.09 0.93
CA LEU A 9 3.12 -0.37 1.44
C LEU A 9 3.20 -0.47 2.97
N LYS A 10 2.09 -0.87 3.58
CA LYS A 10 2.03 -0.98 5.05
C LYS A 10 2.86 -2.16 5.55
N LYS A 11 3.45 -2.89 4.63
CA LYS A 11 4.30 -4.01 4.98
C LYS A 11 5.70 -3.52 5.33
N VAL A 12 6.07 -2.37 4.79
CA VAL A 12 7.37 -1.78 5.02
C VAL A 12 7.24 -0.46 5.79
N LEU A 13 6.25 0.35 5.41
CA LEU A 13 5.94 1.57 6.14
C LEU A 13 5.39 1.25 7.51
N LEU A 1 -7.68 4.66 -6.77
CA LEU A 1 -7.40 5.40 -5.51
C LEU A 1 -6.06 4.97 -4.91
N LEU A 2 -5.30 4.20 -5.69
CA LEU A 2 -3.96 3.75 -5.28
C LEU A 2 -3.99 2.94 -4.00
N LYS A 3 -5.00 2.11 -3.83
CA LYS A 3 -5.16 1.36 -2.60
C LYS A 3 -4.47 0.02 -2.69
N LYS A 4 -4.61 -0.64 -3.83
CA LYS A 4 -3.99 -1.93 -4.04
C LYS A 4 -2.48 -1.83 -3.96
N VAL A 5 -1.95 -0.73 -4.47
CA VAL A 5 -0.51 -0.53 -4.51
C VAL A 5 0.03 -0.03 -3.18
N LEU A 6 -0.74 0.79 -2.47
CA LEU A 6 -0.27 1.38 -1.23
C LEU A 6 -0.51 0.46 -0.04
N ALA A 7 -1.55 -0.37 -0.12
CA ALA A 7 -1.84 -1.32 0.95
C ALA A 7 -0.70 -2.32 1.10
N LEU A 8 -0.06 -2.67 -0.01
CA LEU A 8 1.08 -3.57 0.00
C LEU A 8 2.29 -2.90 0.64
N LEU A 9 2.38 -1.59 0.47
CA LEU A 9 3.50 -0.83 0.99
C LEU A 9 3.32 -0.53 2.48
N LYS A 10 2.11 -0.72 2.98
CA LYS A 10 1.83 -0.50 4.39
C LYS A 10 2.48 -1.55 5.26
N LYS A 11 3.12 -2.50 4.61
CA LYS A 11 3.84 -3.57 5.30
C LYS A 11 5.21 -3.09 5.74
N VAL A 12 5.60 -1.92 5.24
CA VAL A 12 6.83 -1.27 5.65
C VAL A 12 6.55 0.15 6.13
N LEU A 13 5.66 0.85 5.41
CA LEU A 13 5.21 2.17 5.83
C LEU A 13 4.26 2.04 7.02
N LEU A 1 -5.94 1.03 -8.73
CA LEU A 1 -4.77 0.32 -8.18
C LEU A 1 -4.10 1.15 -7.09
N LEU A 2 -4.46 2.43 -7.00
CA LEU A 2 -3.81 3.36 -6.07
C LEU A 2 -3.93 2.89 -4.62
N LYS A 3 -4.98 2.16 -4.32
CA LYS A 3 -5.24 1.72 -2.95
C LYS A 3 -4.61 0.37 -2.70
N LYS A 4 -4.58 -0.47 -3.74
CA LYS A 4 -3.90 -1.74 -3.64
C LYS A 4 -2.41 -1.53 -3.44
N VAL A 5 -1.84 -0.59 -4.18
CA VAL A 5 -0.41 -0.35 -4.12
C VAL A 5 -0.03 0.43 -2.84
N LEU A 6 -0.97 1.24 -2.36
CA LEU A 6 -0.76 2.03 -1.16
C LEU A 6 -0.92 1.15 0.08
N ALA A 7 -1.91 0.27 0.05
CA ALA A 7 -2.20 -0.62 1.15
C ALA A 7 -1.05 -1.60 1.38
N LEU A 8 -0.36 -1.96 0.31
CA LEU A 8 0.78 -2.86 0.40
C LEU A 8 2.00 -2.15 1.00
N LEU A 9 2.00 -0.82 0.98
CA LEU A 9 3.12 -0.06 1.54
C LEU A 9 3.14 -0.15 3.06
N LYS A 10 2.00 -0.49 3.65
CA LYS A 10 1.92 -0.63 5.11
C LYS A 10 2.64 -1.90 5.57
N LYS A 11 3.18 -2.63 4.62
CA LYS A 11 3.94 -3.83 4.91
C LYS A 11 5.42 -3.51 5.07
N VAL A 12 5.84 -2.40 4.48
CA VAL A 12 7.22 -1.96 4.60
C VAL A 12 7.34 -0.81 5.60
N LEU A 13 6.34 0.08 5.60
CA LEU A 13 6.28 1.17 6.56
C LEU A 13 6.17 0.65 7.99
N LEU A 1 -1.65 7.08 -4.70
CA LEU A 1 -3.06 7.33 -5.07
C LEU A 1 -3.86 6.04 -4.89
N LEU A 2 -3.55 5.04 -5.69
CA LEU A 2 -4.21 3.74 -5.63
C LEU A 2 -3.99 3.11 -4.25
N LYS A 3 -5.02 2.45 -3.76
CA LYS A 3 -5.02 1.91 -2.40
C LYS A 3 -4.51 0.49 -2.41
N LYS A 4 -4.77 -0.21 -3.49
CA LYS A 4 -4.28 -1.57 -3.64
C LYS A 4 -2.76 -1.57 -3.71
N VAL A 5 -2.20 -0.54 -4.33
CA VAL A 5 -0.75 -0.42 -4.42
C VAL A 5 -0.17 0.19 -3.13
N LEU A 6 -0.92 1.12 -2.54
CA LEU A 6 -0.49 1.82 -1.34
C LEU A 6 -0.51 0.89 -0.14
N ALA A 7 -1.49 0.00 -0.13
CA ALA A 7 -1.64 -0.96 0.96
C ALA A 7 -0.47 -1.93 1.00
N LEU A 8 0.17 -2.15 -0.15
CA LEU A 8 1.33 -3.01 -0.23
C LEU A 8 2.54 -2.34 0.44
N LEU A 9 2.48 -1.03 0.56
CA LEU A 9 3.55 -0.28 1.20
C LEU A 9 3.37 -0.28 2.72
N LYS A 10 2.18 -0.68 3.17
CA LYS A 10 1.86 -0.72 4.59
C LYS A 10 2.46 -1.95 5.27
N LYS A 11 3.24 -2.71 4.53
CA LYS A 11 3.88 -3.90 5.08
C LYS A 11 5.05 -3.53 5.98
N VAL A 12 5.77 -2.49 5.60
CA VAL A 12 6.86 -1.99 6.42
C VAL A 12 6.32 -1.19 7.61
N LEU A 13 5.20 -0.51 7.39
CA LEU A 13 4.51 0.26 8.43
C LEU A 13 4.31 -0.56 9.70
N LEU A 1 -8.26 4.99 -5.15
CA LEU A 1 -7.81 4.32 -6.40
C LEU A 1 -6.38 3.78 -6.24
N LEU A 2 -5.69 4.22 -5.20
CA LEU A 2 -4.32 3.77 -4.98
C LEU A 2 -4.18 3.07 -3.64
N LYS A 3 -5.13 2.21 -3.32
CA LYS A 3 -5.12 1.51 -2.04
C LYS A 3 -4.38 0.21 -2.16
N LYS A 4 -4.64 -0.52 -3.24
CA LYS A 4 -4.00 -1.81 -3.45
C LYS A 4 -2.50 -1.63 -3.59
N VAL A 5 -2.10 -0.53 -4.22
CA VAL A 5 -0.69 -0.28 -4.47
C VAL A 5 0.02 0.29 -3.24
N LEU A 6 -0.69 1.10 -2.46
CA LEU A 6 -0.09 1.73 -1.29
C LEU A 6 -0.12 0.80 -0.10
N ALA A 7 -1.15 -0.06 -0.05
CA ALA A 7 -1.24 -1.07 0.99
C ALA A 7 -0.05 -2.00 0.94
N LEU A 8 0.45 -2.26 -0.27
CA LEU A 8 1.64 -3.07 -0.46
C LEU A 8 2.82 -2.46 0.28
N LEU A 9 2.90 -1.14 0.27
CA LEU A 9 3.94 -0.43 0.96
C LEU A 9 3.65 -0.39 2.46
N LYS A 10 2.38 -0.15 2.79
CA LYS A 10 1.96 0.03 4.17
C LYS A 10 2.11 -1.24 5.00
N LYS A 11 2.51 -2.32 4.35
CA LYS A 11 2.82 -3.56 5.04
C LYS A 11 4.08 -3.38 5.88
N VAL A 12 4.95 -2.48 5.44
CA VAL A 12 6.19 -2.19 6.14
C VAL A 12 6.29 -0.70 6.46
N LEU A 13 5.92 0.16 5.51
CA LEU A 13 5.84 1.58 5.74
C LEU A 13 4.80 1.91 6.80
N LEU A 1 -8.86 4.03 -6.20
CA LEU A 1 -7.48 4.21 -6.72
C LEU A 1 -6.49 4.34 -5.58
N LEU A 2 -5.23 4.00 -5.86
CA LEU A 2 -4.12 4.19 -4.93
C LEU A 2 -4.32 3.42 -3.61
N LYS A 3 -5.22 2.47 -3.61
CA LYS A 3 -5.47 1.66 -2.42
C LYS A 3 -4.63 0.39 -2.47
N LYS A 4 -4.89 -0.44 -3.46
CA LYS A 4 -4.24 -1.74 -3.57
C LYS A 4 -2.73 -1.59 -3.69
N VAL A 5 -2.29 -0.57 -4.40
CA VAL A 5 -0.87 -0.33 -4.61
C VAL A 5 -0.20 0.27 -3.38
N LEU A 6 -0.92 1.11 -2.65
CA LEU A 6 -0.37 1.78 -1.47
C LEU A 6 -0.41 0.81 -0.29
N ALA A 7 -1.50 0.06 -0.19
CA ALA A 7 -1.66 -0.95 0.86
C ALA A 7 -0.47 -1.92 0.91
N LEU A 8 0.14 -2.18 -0.24
CA LEU A 8 1.29 -3.07 -0.32
C LEU A 8 2.48 -2.53 0.46
N LEU A 9 2.55 -1.21 0.57
CA LEU A 9 3.66 -0.56 1.25
C LEU A 9 3.45 -0.57 2.76
N LYS A 10 2.20 -0.75 3.19
CA LYS A 10 1.84 -0.66 4.59
C LYS A 10 2.38 -1.83 5.41
N LYS A 11 3.12 -2.71 4.78
CA LYS A 11 3.73 -3.83 5.47
C LYS A 11 5.08 -3.42 6.04
N VAL A 12 5.68 -2.38 5.46
CA VAL A 12 6.97 -1.88 5.91
C VAL A 12 6.87 -0.42 6.34
N LEU A 13 6.09 0.36 5.60
CA LEU A 13 5.85 1.75 5.92
C LEU A 13 5.12 1.87 7.25
N LEU A 1 -7.71 5.13 -6.35
CA LEU A 1 -7.18 4.02 -7.18
C LEU A 1 -5.81 3.56 -6.67
N LEU A 2 -5.30 4.25 -5.66
CA LEU A 2 -3.98 3.96 -5.13
C LEU A 2 -4.06 3.34 -3.73
N LYS A 3 -5.11 2.60 -3.47
CA LYS A 3 -5.27 1.95 -2.18
C LYS A 3 -4.66 0.57 -2.21
N LYS A 4 -4.88 -0.13 -3.33
CA LYS A 4 -4.28 -1.43 -3.53
C LYS A 4 -2.77 -1.34 -3.40
N VAL A 5 -2.20 -0.34 -4.06
CA VAL A 5 -0.75 -0.21 -4.12
C VAL A 5 -0.19 0.32 -2.79
N LEU A 6 -0.95 1.16 -2.11
CA LEU A 6 -0.51 1.74 -0.84
C LEU A 6 -0.64 0.72 0.27
N ALA A 7 -1.72 -0.05 0.23
CA ALA A 7 -1.96 -1.09 1.22
C ALA A 7 -0.89 -2.17 1.15
N LEU A 8 -0.29 -2.32 -0.03
CA LEU A 8 0.80 -3.27 -0.21
C LEU A 8 2.13 -2.66 0.26
N LEU A 9 2.17 -1.34 0.36
CA LEU A 9 3.38 -0.66 0.82
C LEU A 9 3.40 -0.61 2.34
N LYS A 10 2.26 -0.86 2.96
CA LYS A 10 2.13 -0.78 4.41
C LYS A 10 2.80 -1.96 5.10
N LYS A 11 3.48 -2.79 4.31
CA LYS A 11 4.26 -3.88 4.86
C LYS A 11 5.51 -3.34 5.53
N VAL A 12 5.98 -2.20 5.04
CA VAL A 12 7.15 -1.54 5.59
C VAL A 12 6.77 -0.23 6.27
N LEU A 13 5.87 0.54 5.65
CA LEU A 13 5.34 1.75 6.24
C LEU A 13 4.47 1.42 7.46
N LEU A 1 -8.43 5.02 -4.85
CA LEU A 1 -7.14 5.43 -5.45
C LEU A 1 -5.97 4.85 -4.67
N LEU A 2 -5.02 4.26 -5.40
CA LEU A 2 -3.77 3.75 -4.83
C LEU A 2 -4.03 2.75 -3.71
N LYS A 3 -5.03 1.91 -3.87
CA LYS A 3 -5.41 0.98 -2.82
C LYS A 3 -4.64 -0.32 -2.98
N LYS A 4 -4.31 -0.63 -4.22
CA LYS A 4 -3.55 -1.82 -4.50
C LYS A 4 -2.11 -1.63 -4.05
N VAL A 5 -1.59 -0.44 -4.26
CA VAL A 5 -0.20 -0.17 -3.96
C VAL A 5 0.00 0.11 -2.48
N LEU A 6 -0.95 0.78 -1.84
CA LEU A 6 -0.79 1.15 -0.44
C LEU A 6 -1.01 -0.06 0.44
N ALA A 7 -1.98 -0.90 0.06
CA ALA A 7 -2.27 -2.12 0.79
C ALA A 7 -1.02 -2.99 0.93
N LEU A 8 -0.11 -2.88 -0.03
CA LEU A 8 1.12 -3.64 -0.01
C LEU A 8 2.23 -2.86 0.70
N LEU A 9 2.39 -1.59 0.33
CA LEU A 9 3.50 -0.77 0.81
C LEU A 9 3.37 -0.43 2.29
N LYS A 10 2.15 -0.25 2.77
CA LYS A 10 1.94 0.19 4.16
C LYS A 10 2.35 -0.88 5.18
N LYS A 11 2.71 -2.04 4.68
CA LYS A 11 3.23 -3.11 5.53
C LYS A 11 4.64 -2.77 6.00
N VAL A 12 5.33 -1.95 5.23
CA VAL A 12 6.66 -1.49 5.61
C VAL A 12 6.64 0.02 5.83
N LEU A 13 6.01 0.75 4.92
CA LEU A 13 5.80 2.17 5.06
C LEU A 13 4.78 2.46 6.16
N LEU A 1 -7.70 1.85 -7.46
CA LEU A 1 -6.41 1.71 -8.17
C LEU A 1 -5.24 1.97 -7.22
N LEU A 2 -5.29 3.08 -6.50
CA LEU A 2 -4.19 3.48 -5.64
C LEU A 2 -4.25 2.80 -4.28
N LYS A 3 -5.33 2.06 -4.02
CA LYS A 3 -5.52 1.41 -2.75
C LYS A 3 -4.61 0.21 -2.64
N LYS A 4 -4.72 -0.71 -3.59
CA LYS A 4 -3.93 -1.91 -3.59
C LYS A 4 -2.44 -1.60 -3.65
N VAL A 5 -2.09 -0.53 -4.34
CA VAL A 5 -0.68 -0.20 -4.54
C VAL A 5 -0.08 0.50 -3.33
N LEU A 6 -0.89 1.28 -2.62
CA LEU A 6 -0.40 2.00 -1.45
C LEU A 6 -0.53 1.14 -0.19
N ALA A 7 -1.60 0.36 -0.12
CA ALA A 7 -1.80 -0.56 1.00
C ALA A 7 -0.61 -1.51 1.16
N LEU A 8 -0.05 -1.95 0.04
CA LEU A 8 1.12 -2.85 0.06
C LEU A 8 2.30 -2.21 0.78
N LEU A 9 2.40 -0.89 0.69
CA LEU A 9 3.52 -0.17 1.26
C LEU A 9 3.40 -0.09 2.77
N LYS A 10 2.18 -0.22 3.28
CA LYS A 10 1.93 -0.10 4.71
C LYS A 10 2.39 -1.34 5.47
N LYS A 11 2.93 -2.30 4.74
CA LYS A 11 3.43 -3.52 5.33
C LYS A 11 4.90 -3.36 5.73
N VAL A 12 5.65 -2.61 4.93
CA VAL A 12 7.05 -2.39 5.19
C VAL A 12 7.24 -1.16 6.10
N LEU A 13 6.39 -0.16 5.91
CA LEU A 13 6.40 1.03 6.75
C LEU A 13 6.07 0.67 8.20
#